data_3NMK
#
_entry.id   3NMK
#
_cell.length_a   99.467
_cell.length_b   99.467
_cell.length_c   109.544
_cell.angle_alpha   90.000
_cell.angle_beta   90.000
_cell.angle_gamma   120.000
#
_symmetry.space_group_name_H-M   'P 65'
#
loop_
_entity.id
_entity.type
_entity.pdbx_description
1 polymer 'Soluble cytochrome b562'
2 non-polymer 'PROTOPORPHYRIN IX CONTAINING FE'
3 non-polymer N-1,10-phenanthrolin-5-ylacetamide
4 non-polymer 'ZINC ION'
5 water water
#
_entity_poly.entity_id   1
_entity_poly.type   'polypeptide(L)'
_entity_poly.pdbx_seq_one_letter_code
;ADLEDNMETLNDNLKVIEKADNAAQVKDALTKMRAAALDAQKATPPKLEDKSPDSPEMCDFAAGFAILVGQIDDALKLAN
EGKVKEAQAAAEQLKTTCNACHQKYR
;
_entity_poly.pdbx_strand_id   A,B,C,D
#
loop_
_chem_comp.id
_chem_comp.type
_chem_comp.name
_chem_comp.formula
HEM non-polymer 'PROTOPORPHYRIN IX CONTAINING FE' 'C34 H32 Fe N4 O4'
PXX non-polymer N-1,10-phenanthrolin-5-ylacetamide 'C14 H11 N3 O'
ZN non-polymer 'ZINC ION' 'Zn 2'
#
# COMPACT_ATOMS: atom_id res chain seq x y z
N ALA A 1 -9.70 -2.22 12.97
CA ALA A 1 -11.06 -1.67 13.31
C ALA A 1 -11.50 -0.63 12.28
N ASP A 2 -12.63 0.02 12.52
CA ASP A 2 -13.23 0.94 11.55
C ASP A 2 -13.04 2.42 11.89
N LEU A 3 -13.27 3.27 10.89
CA LEU A 3 -12.90 4.68 10.95
C LEU A 3 -13.40 5.36 12.21
N GLU A 4 -14.71 5.22 12.48
CA GLU A 4 -15.34 5.86 13.63
C GLU A 4 -14.63 5.48 14.93
N ASP A 5 -14.35 4.19 15.09
CA ASP A 5 -13.69 3.71 16.30
C ASP A 5 -12.30 4.30 16.43
N ASN A 6 -11.55 4.29 15.33
CA ASN A 6 -10.24 4.93 15.29
C ASN A 6 -10.29 6.40 15.71
N MET A 7 -11.30 7.12 15.23
CA MET A 7 -11.39 8.56 15.51
C MET A 7 -11.78 8.80 16.96
N GLU A 8 -12.56 7.87 17.52
CA GLU A 8 -12.85 7.90 18.94
C GLU A 8 -11.57 7.73 19.77
N THR A 9 -10.74 6.77 19.39
CA THR A 9 -9.48 6.54 20.10
C THR A 9 -8.64 7.80 20.05
N LEU A 10 -8.44 8.33 18.85
CA LEU A 10 -7.74 9.58 18.68
C LEU A 10 -8.26 10.64 19.65
N ASN A 11 -9.57 10.71 19.78
CA ASN A 11 -10.19 11.82 20.51
C ASN A 11 -10.08 11.65 22.01
N ASP A 12 -10.39 10.43 22.47
CA ASP A 12 -10.27 10.07 23.88
C ASP A 12 -8.84 10.24 24.37
N ASN A 13 -7.89 9.70 23.63
CA ASN A 13 -6.51 9.71 24.10
C ASN A 13 -5.91 11.11 24.06
N LEU A 14 -6.47 11.96 23.22
CA LEU A 14 -6.10 13.37 23.21
C LEU A 14 -6.51 14.03 24.50
N LYS A 15 -7.68 13.65 25.02
CA LYS A 15 -8.13 14.18 26.30
C LYS A 15 -7.26 13.64 27.45
N VAL A 16 -7.10 12.32 27.48
CA VAL A 16 -6.21 11.67 28.44
C VAL A 16 -4.92 12.46 28.58
N ILE A 17 -4.33 12.81 27.44
CA ILE A 17 -3.05 13.50 27.42
C ILE A 17 -3.12 14.90 28.03
N GLU A 18 -4.21 15.62 27.78
CA GLU A 18 -4.38 16.96 28.37
C GLU A 18 -4.51 16.88 29.91
N LYS A 19 -4.97 15.74 30.41
CA LYS A 19 -5.23 15.56 31.85
C LYS A 19 -4.12 14.76 32.54
N ALA A 20 -3.06 14.44 31.80
CA ALA A 20 -2.11 13.42 32.24
C ALA A 20 -1.30 13.85 33.46
N ASP A 21 -0.97 12.89 34.33
CA ASP A 21 -0.24 13.18 35.57
C ASP A 21 1.24 12.84 35.43
N ASN A 22 1.52 11.81 34.65
CA ASN A 22 2.89 11.36 34.46
C ASN A 22 3.20 11.05 32.98
N ALA A 23 4.46 10.78 32.67
CA ALA A 23 4.87 10.50 31.29
C ALA A 23 4.39 9.15 30.75
N ALA A 24 4.21 8.17 31.62
CA ALA A 24 3.73 6.86 31.18
C ALA A 24 2.34 6.99 30.59
N GLN A 25 1.46 7.66 31.32
CA GLN A 25 0.12 7.94 30.85
C GLN A 25 0.15 8.51 29.44
N VAL A 26 1.06 9.46 29.20
CA VAL A 26 1.14 10.16 27.92
C VAL A 26 1.65 9.26 26.81
N LYS A 27 2.86 8.73 27.00
CA LYS A 27 3.35 7.57 26.26
C LYS A 27 2.22 6.62 25.86
N ASP A 28 1.51 6.13 26.86
CA ASP A 28 0.54 5.06 26.65
C ASP A 28 -0.53 5.55 25.69
N ALA A 29 -0.99 6.78 25.91
CA ALA A 29 -2.06 7.36 25.10
C ALA A 29 -1.63 7.66 23.67
N LEU A 30 -0.38 8.10 23.52
CA LEU A 30 0.20 8.39 22.22
C LEU A 30 0.38 7.10 21.41
N THR A 31 0.84 6.05 22.07
CA THR A 31 0.95 4.74 21.46
C THR A 31 -0.39 4.27 20.91
N LYS A 32 -1.44 4.48 21.69
CA LYS A 32 -2.78 4.08 21.27
C LYS A 32 -3.24 4.90 20.08
N MET A 33 -3.05 6.22 20.16
CA MET A 33 -3.25 7.10 19.03
C MET A 33 -2.52 6.66 17.76
N ARG A 34 -1.25 6.26 17.92
CA ARG A 34 -0.45 5.85 16.78
C ARG A 34 -1.13 4.68 16.08
N ALA A 35 -1.53 3.68 16.87
CA ALA A 35 -2.11 2.47 16.29
C ALA A 35 -3.40 2.80 15.55
N ALA A 36 -4.14 3.76 16.09
CA ALA A 36 -5.36 4.22 15.45
C ALA A 36 -5.09 5.01 14.15
N ALA A 37 -4.15 5.95 14.18
CA ALA A 37 -3.82 6.69 12.96
C ALA A 37 -3.39 5.76 11.83
N LEU A 38 -2.63 4.73 12.15
CA LEU A 38 -2.17 3.80 11.14
C LEU A 38 -3.32 2.96 10.58
N ASP A 39 -4.29 2.65 11.44
CA ASP A 39 -5.48 1.93 10.99
C ASP A 39 -6.34 2.81 10.08
N ALA A 40 -6.64 4.01 10.54
CA ALA A 40 -7.44 4.95 9.77
C ALA A 40 -6.76 5.28 8.45
N GLN A 41 -5.44 5.23 8.43
CA GLN A 41 -4.72 5.48 7.21
C GLN A 41 -5.08 4.50 6.09
N LYS A 42 -5.60 3.33 6.44
CA LYS A 42 -6.01 2.33 5.44
C LYS A 42 -7.47 2.49 4.94
N ALA A 43 -8.24 3.36 5.57
CA ALA A 43 -9.69 3.36 5.38
C ALA A 43 -10.11 4.25 4.21
N THR A 44 -11.34 4.04 3.75
CA THR A 44 -11.96 4.99 2.84
C THR A 44 -13.09 5.73 3.54
N PRO A 45 -12.96 7.05 3.65
CA PRO A 45 -14.00 7.81 4.33
C PRO A 45 -15.24 7.94 3.48
N PRO A 46 -16.43 7.94 4.10
CA PRO A 46 -17.68 8.13 3.40
C PRO A 46 -17.56 9.17 2.29
N LYS A 47 -17.05 10.34 2.65
CA LYS A 47 -17.00 11.44 1.70
C LYS A 47 -16.31 11.07 0.38
N LEU A 48 -15.41 10.07 0.42
CA LEU A 48 -14.53 9.80 -0.71
C LEU A 48 -14.77 8.42 -1.36
N GLU A 49 -15.91 7.81 -1.05
CA GLU A 49 -16.17 6.40 -1.32
C GLU A 49 -16.28 6.09 -2.82
N ASP A 50 -16.64 7.12 -3.59
CA ASP A 50 -16.74 6.99 -5.04
C ASP A 50 -15.47 7.40 -5.78
N LYS A 51 -14.36 7.57 -5.05
CA LYS A 51 -13.14 8.11 -5.65
C LYS A 51 -12.13 7.00 -5.88
N SER A 52 -11.38 7.11 -6.97
CA SER A 52 -10.29 6.16 -7.23
C SER A 52 -9.25 6.19 -6.09
N PRO A 53 -8.87 5.00 -5.58
CA PRO A 53 -7.78 4.86 -4.60
C PRO A 53 -6.58 5.67 -5.01
N ASP A 54 -6.51 5.96 -6.31
CA ASP A 54 -5.40 6.65 -6.95
C ASP A 54 -5.50 8.14 -6.74
N SER A 55 -6.71 8.60 -6.43
CA SER A 55 -7.09 9.98 -6.70
C SER A 55 -6.29 10.95 -5.82
N PRO A 56 -6.20 12.22 -6.26
CA PRO A 56 -5.55 13.22 -5.43
C PRO A 56 -6.17 13.27 -4.04
N GLU A 57 -7.47 13.02 -3.96
CA GLU A 57 -8.19 13.12 -2.70
C GLU A 57 -7.77 12.03 -1.73
N MET A 58 -7.84 10.78 -2.20
CA MET A 58 -7.44 9.64 -1.40
C MET A 58 -5.97 9.71 -0.95
N CYS A 59 -5.08 10.13 -1.84
CA CYS A 59 -3.70 10.27 -1.47
C CYS A 59 -3.57 11.32 -0.38
N ASP A 60 -4.26 12.45 -0.55
CA ASP A 60 -4.22 13.53 0.43
C ASP A 60 -4.69 13.02 1.78
N PHE A 61 -5.80 12.30 1.78
CA PHE A 61 -6.31 11.67 2.97
C PHE A 61 -5.24 10.90 3.70
N ALA A 62 -4.67 9.89 3.03
CA ALA A 62 -3.60 9.08 3.63
C ALA A 62 -2.40 9.93 4.10
N ALA A 63 -2.12 11.04 3.42
CA ALA A 63 -0.95 11.83 3.74
C ALA A 63 -1.17 12.51 5.08
N GLY A 64 -2.43 12.88 5.35
CA GLY A 64 -2.78 13.52 6.60
C GLY A 64 -2.39 12.64 7.77
N PHE A 65 -2.58 11.34 7.63
CA PHE A 65 -2.20 10.42 8.70
C PHE A 65 -0.70 10.22 8.77
N ALA A 66 -0.04 10.25 7.62
CA ALA A 66 1.41 10.27 7.62
C ALA A 66 1.95 11.42 8.47
N ILE A 67 1.36 12.61 8.29
CA ILE A 67 1.78 13.78 9.05
C ILE A 67 1.41 13.63 10.52
N LEU A 68 0.20 13.14 10.77
CA LEU A 68 -0.27 12.90 12.14
C LEU A 68 0.65 11.94 12.91
N VAL A 69 0.90 10.77 12.32
CA VAL A 69 1.81 9.80 12.91
C VAL A 69 3.19 10.42 13.16
N GLY A 70 3.71 11.11 12.14
CA GLY A 70 4.95 11.87 12.29
C GLY A 70 4.97 12.73 13.54
N GLN A 71 3.88 13.44 13.78
CA GLN A 71 3.82 14.35 14.92
C GLN A 71 3.69 13.58 16.24
N ILE A 72 2.80 12.59 16.26
CA ILE A 72 2.76 11.63 17.36
C ILE A 72 4.13 11.07 17.76
N ASP A 73 4.95 10.72 16.77
CA ASP A 73 6.33 10.30 17.04
C ASP A 73 7.17 11.40 17.72
N ASP A 74 7.07 12.63 17.23
CA ASP A 74 7.75 13.73 17.89
C ASP A 74 7.29 13.89 19.34
N ALA A 75 6.00 13.68 19.57
CA ALA A 75 5.45 13.73 20.91
C ALA A 75 5.95 12.59 21.77
N LEU A 76 5.99 11.39 21.19
CA LEU A 76 6.55 10.23 21.88
C LEU A 76 8.01 10.41 22.29
N LYS A 77 8.82 10.99 21.40
CA LYS A 77 10.20 11.28 21.73
C LYS A 77 10.28 12.07 23.02
N LEU A 78 9.46 13.11 23.13
CA LEU A 78 9.49 14.00 24.29
C LEU A 78 9.03 13.26 25.54
N ALA A 79 7.99 12.44 25.38
CA ALA A 79 7.45 11.67 26.49
C ALA A 79 8.46 10.66 27.01
N ASN A 80 9.14 9.95 26.10
CA ASN A 80 10.22 9.05 26.50
C ASN A 80 11.34 9.77 27.26
N GLU A 81 11.66 10.99 26.85
CA GLU A 81 12.60 11.82 27.58
C GLU A 81 12.01 12.38 28.88
N GLY A 82 10.77 12.01 29.18
CA GLY A 82 10.09 12.45 30.39
C GLY A 82 9.74 13.93 30.45
N LYS A 83 9.74 14.61 29.31
CA LYS A 83 9.31 16.00 29.25
C LYS A 83 7.80 16.14 29.10
N VAL A 84 7.07 15.98 30.20
CA VAL A 84 5.62 15.89 30.16
C VAL A 84 4.93 17.11 29.54
N LYS A 85 5.30 18.30 29.97
CA LYS A 85 4.65 19.52 29.47
C LYS A 85 4.90 19.73 27.98
N GLU A 86 6.12 19.43 27.54
CA GLU A 86 6.46 19.60 26.13
C GLU A 86 5.73 18.58 25.27
N ALA A 87 5.52 17.39 25.82
CA ALA A 87 4.76 16.35 25.12
C ALA A 87 3.28 16.72 25.05
N GLN A 88 2.77 17.33 26.11
CA GLN A 88 1.42 17.87 26.09
C GLN A 88 1.26 19.00 25.09
N ALA A 89 2.21 19.92 25.06
CA ALA A 89 2.26 20.95 24.02
C ALA A 89 2.24 20.33 22.63
N ALA A 90 3.07 19.33 22.39
CA ALA A 90 3.17 18.71 21.06
C ALA A 90 1.83 18.11 20.63
N ALA A 91 1.15 17.48 21.58
CA ALA A 91 -0.12 16.82 21.31
C ALA A 91 -1.23 17.81 20.97
N GLU A 92 -1.17 18.98 21.60
CA GLU A 92 -2.06 20.08 21.23
C GLU A 92 -1.86 20.51 19.78
N GLN A 93 -0.62 20.45 19.30
CA GLN A 93 -0.32 20.81 17.94
C GLN A 93 -0.96 19.86 16.94
N LEU A 94 -1.14 18.60 17.35
CA LEU A 94 -1.87 17.63 16.54
C LEU A 94 -3.16 18.21 15.98
N LYS A 95 -3.85 19.01 16.79
CA LYS A 95 -5.22 19.41 16.46
C LYS A 95 -5.32 20.10 15.10
N THR A 96 -4.30 20.86 14.71
CA THR A 96 -4.35 21.53 13.42
C THR A 96 -4.46 20.53 12.28
N THR A 97 -3.73 19.42 12.40
CA THR A 97 -3.87 18.31 11.46
C THR A 97 -5.23 17.63 11.50
N CYS A 98 -5.71 17.30 12.70
CA CYS A 98 -7.08 16.84 12.83
C CYS A 98 -8.04 17.76 12.08
N ASN A 99 -7.91 19.06 12.31
CA ASN A 99 -8.86 20.02 11.76
C ASN A 99 -8.71 20.11 10.24
N ALA A 100 -7.48 20.35 9.81
CA ALA A 100 -7.19 20.38 8.38
C ALA A 100 -7.87 19.25 7.58
N CYS A 101 -7.71 18.01 8.02
CA CYS A 101 -8.35 16.88 7.36
C CYS A 101 -9.88 16.89 7.52
N HIS A 102 -10.34 17.27 8.70
CA HIS A 102 -11.78 17.30 8.97
C HIS A 102 -12.54 18.25 8.03
N GLN A 103 -11.95 19.42 7.80
CA GLN A 103 -12.54 20.37 6.88
C GLN A 103 -12.71 19.81 5.47
N LYS A 104 -11.70 19.09 4.99
CA LYS A 104 -11.78 18.51 3.64
C LYS A 104 -12.76 17.35 3.52
N TYR A 105 -12.73 16.41 4.47
CA TYR A 105 -13.18 15.06 4.20
C TYR A 105 -14.15 14.48 5.22
N ARG A 106 -14.36 15.20 6.31
CA ARG A 106 -15.31 14.75 7.32
C ARG A 106 -16.71 15.27 7.04
N ALA B 1 7.06 5.21 -11.83
CA ALA B 1 8.54 5.27 -12.06
C ALA B 1 9.31 5.12 -10.75
N ASP B 2 10.64 5.06 -10.82
CA ASP B 2 11.46 4.81 -9.63
C ASP B 2 11.97 6.10 -8.97
N LEU B 3 12.54 5.97 -7.78
CA LEU B 3 12.89 7.12 -6.95
C LEU B 3 13.85 8.06 -7.67
N GLU B 4 14.95 7.50 -8.18
CA GLU B 4 15.96 8.30 -8.86
C GLU B 4 15.34 9.15 -9.96
N ASP B 5 14.46 8.56 -10.77
CA ASP B 5 13.81 9.27 -11.87
C ASP B 5 12.91 10.39 -11.36
N ASN B 6 12.12 10.07 -10.34
CA ASN B 6 11.26 11.06 -9.72
C ASN B 6 12.05 12.21 -9.13
N MET B 7 13.21 11.89 -8.56
CA MET B 7 14.02 12.91 -7.92
C MET B 7 14.68 13.79 -8.96
N GLU B 8 14.98 13.21 -10.11
CA GLU B 8 15.42 14.00 -11.27
C GLU B 8 14.35 14.96 -11.77
N THR B 9 13.11 14.49 -11.84
CA THR B 9 12.00 15.34 -12.28
C THR B 9 11.82 16.52 -11.34
N LEU B 10 11.81 16.21 -10.05
CA LEU B 10 11.76 17.23 -9.03
C LEU B 10 12.85 18.29 -9.27
N ASN B 11 14.09 17.84 -9.43
CA ASN B 11 15.21 18.75 -9.56
C ASN B 11 15.16 19.56 -10.85
N ASP B 12 14.77 18.92 -11.94
CA ASP B 12 14.77 19.60 -13.24
C ASP B 12 13.71 20.68 -13.24
N ASN B 13 12.51 20.32 -12.80
CA ASN B 13 11.39 21.24 -12.83
C ASN B 13 11.54 22.40 -11.85
N LEU B 14 12.28 22.15 -10.77
CA LEU B 14 12.62 23.22 -9.85
C LEU B 14 13.47 24.28 -10.55
N LYS B 15 14.41 23.83 -11.38
CA LYS B 15 15.22 24.72 -12.19
C LYS B 15 14.37 25.48 -13.24
N VAL B 16 13.56 24.74 -13.99
CA VAL B 16 12.59 25.34 -14.90
C VAL B 16 11.86 26.48 -14.21
N ILE B 17 11.39 26.24 -13.01
CA ILE B 17 10.66 27.27 -12.28
C ILE B 17 11.50 28.52 -11.97
N GLU B 18 12.79 28.33 -11.68
CA GLU B 18 13.64 29.47 -11.37
C GLU B 18 13.98 30.30 -12.61
N LYS B 19 13.93 29.66 -13.78
CA LYS B 19 14.21 30.35 -15.04
C LYS B 19 12.95 30.84 -15.77
N ALA B 20 11.78 30.57 -15.19
CA ALA B 20 10.55 30.61 -15.96
C ALA B 20 10.22 32.03 -16.40
N ASP B 21 9.58 32.18 -17.55
CA ASP B 21 9.20 33.49 -18.09
C ASP B 21 7.72 33.81 -17.87
N ASN B 22 6.88 32.78 -17.81
CA ASN B 22 5.43 32.97 -17.71
C ASN B 22 4.78 31.95 -16.75
N ALA B 23 3.54 32.20 -16.37
CA ALA B 23 2.87 31.36 -15.38
C ALA B 23 2.57 29.94 -15.87
N ALA B 24 2.27 29.76 -17.14
CA ALA B 24 1.97 28.43 -17.64
C ALA B 24 3.19 27.54 -17.45
N GLN B 25 4.35 28.09 -17.77
CA GLN B 25 5.61 27.37 -17.56
C GLN B 25 5.71 26.86 -16.13
N VAL B 26 5.42 27.71 -15.17
CA VAL B 26 5.51 27.36 -13.76
C VAL B 26 4.45 26.34 -13.34
N LYS B 27 3.20 26.63 -13.63
CA LYS B 27 2.12 25.66 -13.52
C LYS B 27 2.56 24.28 -14.02
N ASP B 28 3.11 24.25 -15.23
CA ASP B 28 3.34 23.01 -15.92
C ASP B 28 4.46 22.27 -15.19
N ALA B 29 5.45 23.02 -14.71
CA ALA B 29 6.54 22.43 -13.93
C ALA B 29 6.03 21.91 -12.59
N LEU B 30 5.20 22.71 -11.91
CA LEU B 30 4.65 22.33 -10.63
C LEU B 30 3.80 21.06 -10.75
N THR B 31 2.99 20.99 -11.79
CA THR B 31 2.17 19.80 -12.05
C THR B 31 3.03 18.54 -12.19
N LYS B 32 4.08 18.61 -13.00
CA LYS B 32 5.00 17.49 -13.11
C LYS B 32 5.52 17.13 -11.72
N MET B 33 5.96 18.14 -10.97
CA MET B 33 6.56 17.93 -9.65
C MET B 33 5.59 17.19 -8.73
N ARG B 34 4.32 17.54 -8.83
CA ARG B 34 3.29 16.91 -8.03
C ARG B 34 3.19 15.40 -8.33
N ALA B 35 3.13 15.07 -9.61
CA ALA B 35 3.04 13.69 -10.02
C ALA B 35 4.23 12.91 -9.50
N ALA B 36 5.39 13.55 -9.47
CA ALA B 36 6.62 12.87 -9.13
C ALA B 36 6.75 12.75 -7.62
N ALA B 37 6.26 13.76 -6.90
CA ALA B 37 6.13 13.66 -5.45
C ALA B 37 5.26 12.46 -5.07
N LEU B 38 4.11 12.32 -5.73
CA LEU B 38 3.16 11.25 -5.40
C LEU B 38 3.72 9.88 -5.76
N ASP B 39 4.51 9.82 -6.82
CA ASP B 39 5.19 8.58 -7.17
C ASP B 39 6.25 8.19 -6.14
N ALA B 40 7.24 9.06 -5.95
CA ALA B 40 8.18 8.90 -4.84
C ALA B 40 7.53 8.47 -3.52
N GLN B 41 6.40 9.07 -3.19
CA GLN B 41 5.74 8.79 -1.91
C GLN B 41 5.63 7.29 -1.65
N LYS B 42 5.63 6.50 -2.72
CA LYS B 42 5.29 5.07 -2.66
C LYS B 42 6.55 4.22 -2.61
N ALA B 43 7.67 4.82 -2.98
CA ALA B 43 8.95 4.12 -3.03
C ALA B 43 9.55 3.92 -1.64
N THR B 44 10.39 2.89 -1.51
CA THR B 44 11.12 2.66 -0.28
C THR B 44 12.59 2.96 -0.53
N PRO B 45 13.14 3.92 0.22
CA PRO B 45 14.47 4.41 -0.12
C PRO B 45 15.52 3.42 0.37
N PRO B 46 16.57 3.21 -0.45
CA PRO B 46 17.68 2.37 -0.02
C PRO B 46 17.90 2.45 1.49
N LYS B 47 17.97 3.66 2.02
CA LYS B 47 18.40 3.84 3.41
C LYS B 47 17.42 3.22 4.42
N LEU B 48 16.22 2.90 3.97
CA LEU B 48 15.17 2.43 4.88
C LEU B 48 14.59 1.08 4.50
N GLU B 49 15.29 0.34 3.65
CA GLU B 49 14.76 -0.86 3.01
C GLU B 49 14.49 -1.96 4.02
N ASP B 50 15.20 -1.92 5.14
CA ASP B 50 15.14 -2.97 6.14
C ASP B 50 14.20 -2.61 7.28
N LYS B 51 13.42 -1.54 7.11
CA LYS B 51 12.58 -0.99 8.17
C LYS B 51 11.12 -1.35 7.92
N SER B 52 10.34 -1.43 9.00
CA SER B 52 8.91 -1.72 8.88
C SER B 52 8.14 -0.57 8.26
N PRO B 53 7.21 -0.87 7.34
CA PRO B 53 6.41 0.17 6.70
C PRO B 53 5.82 1.07 7.76
N ASP B 54 5.70 0.53 8.97
CA ASP B 54 4.96 1.14 10.09
C ASP B 54 5.87 2.08 10.86
N SER B 55 7.16 1.98 10.56
CA SER B 55 8.18 2.44 11.48
C SER B 55 8.18 3.95 11.51
N PRO B 56 8.72 4.55 12.57
CA PRO B 56 8.87 5.99 12.69
C PRO B 56 9.54 6.61 11.47
N GLU B 57 10.60 5.97 11.00
CA GLU B 57 11.34 6.45 9.83
C GLU B 57 10.50 6.48 8.55
N MET B 58 9.94 5.33 8.17
CA MET B 58 9.13 5.24 6.98
C MET B 58 8.01 6.29 7.01
N CYS B 59 7.36 6.43 8.16
CA CYS B 59 6.23 7.33 8.29
C CYS B 59 6.69 8.77 8.14
N ASP B 60 7.85 9.08 8.72
CA ASP B 60 8.45 10.39 8.53
C ASP B 60 8.75 10.64 7.05
N PHE B 61 9.41 9.66 6.42
CA PHE B 61 9.62 9.70 4.98
C PHE B 61 8.33 10.13 4.25
N ALA B 62 7.24 9.43 4.50
CA ALA B 62 6.02 9.69 3.73
C ALA B 62 5.45 11.06 4.09
N ALA B 63 5.68 11.48 5.33
CA ALA B 63 5.28 12.80 5.75
C ALA B 63 6.02 13.88 4.99
N GLY B 64 7.29 13.63 4.70
CA GLY B 64 8.08 14.60 3.94
C GLY B 64 7.41 14.93 2.62
N PHE B 65 6.91 13.89 1.95
CA PHE B 65 6.23 14.09 0.68
C PHE B 65 4.88 14.74 0.88
N ALA B 66 4.24 14.43 2.00
CA ALA B 66 2.94 15.01 2.29
C ALA B 66 3.06 16.53 2.38
N ILE B 67 4.10 16.97 3.07
CA ILE B 67 4.37 18.38 3.18
C ILE B 67 4.80 18.99 1.85
N LEU B 68 5.63 18.27 1.10
CA LEU B 68 6.06 18.75 -0.22
C LEU B 68 4.85 18.99 -1.14
N VAL B 69 3.99 17.98 -1.25
CA VAL B 69 2.80 18.09 -2.09
C VAL B 69 1.95 19.27 -1.64
N GLY B 70 1.78 19.41 -0.34
CA GLY B 70 1.04 20.54 0.21
C GLY B 70 1.64 21.85 -0.23
N GLN B 71 2.97 21.88 -0.32
CA GLN B 71 3.67 23.12 -0.64
C GLN B 71 3.60 23.39 -2.13
N ILE B 72 3.74 22.33 -2.92
CA ILE B 72 3.46 22.41 -4.35
C ILE B 72 2.06 22.94 -4.62
N ASP B 73 1.08 22.48 -3.83
CA ASP B 73 -0.29 22.92 -4.02
C ASP B 73 -0.45 24.42 -3.73
N ASP B 74 0.27 24.91 -2.72
CA ASP B 74 0.22 26.34 -2.40
C ASP B 74 0.82 27.13 -3.54
N ALA B 75 1.87 26.59 -4.16
CA ALA B 75 2.53 27.26 -5.27
C ALA B 75 1.69 27.20 -6.54
N LEU B 76 0.98 26.08 -6.73
CA LEU B 76 0.00 25.99 -7.82
C LEU B 76 -1.11 27.02 -7.75
N LYS B 77 -1.63 27.26 -6.55
CA LYS B 77 -2.65 28.28 -6.36
C LYS B 77 -2.16 29.63 -6.91
N LEU B 78 -0.98 30.04 -6.47
CA LEU B 78 -0.38 31.29 -6.91
C LEU B 78 -0.17 31.27 -8.44
N ALA B 79 0.24 30.13 -8.97
CA ALA B 79 0.52 30.03 -10.41
C ALA B 79 -0.76 30.18 -11.21
N ASN B 80 -1.83 29.55 -10.75
CA ASN B 80 -3.13 29.70 -11.39
C ASN B 80 -3.65 31.13 -11.31
N GLU B 81 -3.30 31.84 -10.24
CA GLU B 81 -3.70 33.22 -10.09
C GLU B 81 -2.81 34.15 -10.94
N GLY B 82 -1.89 33.55 -11.69
CA GLY B 82 -1.00 34.31 -12.57
C GLY B 82 0.12 35.08 -11.86
N LYS B 83 0.26 34.88 -10.56
CA LYS B 83 1.31 35.54 -9.78
C LYS B 83 2.67 34.83 -9.92
N VAL B 84 3.36 35.10 -11.02
CA VAL B 84 4.60 34.38 -11.31
C VAL B 84 5.64 34.48 -10.20
N LYS B 85 6.01 35.70 -9.83
CA LYS B 85 7.12 35.89 -8.90
C LYS B 85 6.79 35.24 -7.56
N GLU B 86 5.50 35.24 -7.21
CA GLU B 86 5.09 34.73 -5.91
C GLU B 86 5.24 33.23 -5.90
N ALA B 87 4.90 32.61 -7.02
CA ALA B 87 4.92 31.15 -7.13
C ALA B 87 6.34 30.67 -7.21
N GLN B 88 7.20 31.48 -7.82
CA GLN B 88 8.65 31.21 -7.80
C GLN B 88 9.20 31.22 -6.38
N ALA B 89 8.76 32.19 -5.59
CA ALA B 89 9.16 32.30 -4.19
C ALA B 89 8.72 31.04 -3.45
N ALA B 90 7.46 30.67 -3.66
CA ALA B 90 6.91 29.47 -3.04
C ALA B 90 7.71 28.21 -3.37
N ALA B 91 8.16 28.10 -4.61
CA ALA B 91 8.97 26.96 -5.01
C ALA B 91 10.33 26.95 -4.32
N GLU B 92 10.90 28.14 -4.10
CA GLU B 92 12.15 28.22 -3.36
C GLU B 92 11.98 27.65 -1.95
N GLN B 93 10.79 27.84 -1.39
CA GLN B 93 10.50 27.36 -0.04
C GLN B 93 10.54 25.84 0.04
N LEU B 94 10.14 25.17 -1.05
CA LEU B 94 10.33 23.73 -1.20
C LEU B 94 11.69 23.23 -0.71
N LYS B 95 12.75 23.90 -1.10
CA LYS B 95 14.11 23.41 -0.83
C LYS B 95 14.38 22.96 0.62
N THR B 96 13.85 23.68 1.60
CA THR B 96 14.03 23.27 2.98
C THR B 96 13.46 21.87 3.25
N THR B 97 12.29 21.57 2.69
CA THR B 97 11.76 20.22 2.70
C THR B 97 12.65 19.25 1.94
N CYS B 98 13.06 19.58 0.73
CA CYS B 98 13.99 18.72 -0.01
C CYS B 98 15.18 18.34 0.88
N ASN B 99 15.82 19.33 1.49
CA ASN B 99 17.01 19.11 2.31
C ASN B 99 16.70 18.31 3.57
N ALA B 100 15.67 18.73 4.30
CA ALA B 100 15.31 18.06 5.53
C ALA B 100 15.29 16.56 5.29
N CYS B 101 14.62 16.14 4.23
CA CYS B 101 14.46 14.72 3.95
C CYS B 101 15.79 14.12 3.51
N HIS B 102 16.50 14.84 2.67
CA HIS B 102 17.81 14.42 2.24
C HIS B 102 18.81 14.17 3.38
N GLN B 103 18.89 15.08 4.36
CA GLN B 103 19.76 14.88 5.51
C GLN B 103 19.48 13.55 6.22
N LYS B 104 18.20 13.22 6.40
CA LYS B 104 17.82 12.02 7.14
C LYS B 104 17.99 10.72 6.35
N TYR B 105 17.60 10.70 5.08
CA TYR B 105 17.27 9.44 4.41
C TYR B 105 17.96 9.20 3.07
N ARG B 106 18.65 10.21 2.56
CA ARG B 106 19.37 10.08 1.29
C ARG B 106 20.80 9.62 1.56
N ALA C 1 13.97 -2.85 -3.72
CA ALA C 1 14.64 -2.73 -5.05
C ALA C 1 13.58 -2.64 -6.17
N ASP C 2 14.02 -2.40 -7.40
CA ASP C 2 13.09 -2.17 -8.51
C ASP C 2 12.78 -3.44 -9.33
N LEU C 3 11.78 -3.35 -10.21
CA LEU C 3 11.25 -4.54 -10.88
C LEU C 3 12.34 -5.27 -11.63
N GLU C 4 13.09 -4.52 -12.44
CA GLU C 4 14.10 -5.11 -13.29
C GLU C 4 15.11 -5.91 -12.47
N ASP C 5 15.55 -5.33 -11.36
CA ASP C 5 16.50 -6.01 -10.48
C ASP C 5 15.90 -7.28 -9.90
N ASN C 6 14.66 -7.19 -9.45
CA ASN C 6 13.94 -8.33 -8.91
C ASN C 6 13.77 -9.43 -9.94
N MET C 7 13.48 -9.03 -11.17
CA MET C 7 13.28 -10.00 -12.24
C MET C 7 14.59 -10.69 -12.60
N GLU C 8 15.68 -9.93 -12.54
CA GLU C 8 17.00 -10.51 -12.68
C GLU C 8 17.29 -11.56 -11.62
N THR C 9 16.92 -11.26 -10.37
CA THR C 9 17.19 -12.18 -9.27
C THR C 9 16.39 -13.47 -9.48
N LEU C 10 15.14 -13.30 -9.86
CA LEU C 10 14.29 -14.41 -10.22
C LEU C 10 14.96 -15.30 -11.26
N ASN C 11 15.46 -14.68 -12.33
CA ASN C 11 16.03 -15.40 -13.45
C ASN C 11 17.35 -16.08 -13.11
N ASP C 12 18.22 -15.36 -12.40
CA ASP C 12 19.52 -15.91 -12.05
C ASP C 12 19.34 -17.13 -11.16
N ASN C 13 18.50 -16.98 -10.13
CA ASN C 13 18.33 -18.03 -9.15
C ASN C 13 17.59 -19.24 -9.70
N LEU C 14 16.74 -19.01 -10.68
CA LEU C 14 16.11 -20.12 -11.39
C LEU C 14 17.17 -20.97 -12.08
N LYS C 15 18.16 -20.30 -12.67
CA LYS C 15 19.28 -20.98 -13.31
C LYS C 15 20.15 -21.73 -12.30
N VAL C 16 20.49 -21.07 -11.20
CA VAL C 16 21.19 -21.69 -10.08
C VAL C 16 20.50 -22.99 -9.69
N ILE C 17 19.18 -22.96 -9.61
CA ILE C 17 18.44 -24.14 -9.22
C ILE C 17 18.55 -25.29 -10.23
N GLU C 18 18.58 -24.97 -11.52
CA GLU C 18 18.69 -26.02 -12.53
C GLU C 18 20.08 -26.68 -12.50
N LYS C 19 21.09 -25.91 -12.09
CA LYS C 19 22.47 -26.40 -12.07
C LYS C 19 22.90 -26.98 -10.72
N ALA C 20 22.02 -26.90 -9.72
CA ALA C 20 22.43 -27.05 -8.33
C ALA C 20 22.91 -28.48 -8.05
N ASP C 21 23.85 -28.61 -7.11
CA ASP C 21 24.42 -29.90 -6.75
C ASP C 21 23.81 -30.44 -5.46
N ASN C 22 23.39 -29.54 -4.56
CA ASN C 22 22.91 -29.94 -3.24
C ASN C 22 21.69 -29.13 -2.79
N ALA C 23 21.05 -29.56 -1.71
CA ALA C 23 19.79 -28.97 -1.29
C ALA C 23 19.91 -27.56 -0.70
N ALA C 24 21.01 -27.27 -0.01
CA ALA C 24 21.22 -25.94 0.51
C ALA C 24 21.24 -24.94 -0.64
N GLN C 25 22.01 -25.24 -1.67
CA GLN C 25 22.06 -24.39 -2.84
C GLN C 25 20.66 -24.00 -3.29
N VAL C 26 19.77 -24.98 -3.35
CA VAL C 26 18.42 -24.75 -3.89
C VAL C 26 17.55 -23.97 -2.90
N LYS C 27 17.50 -24.41 -1.66
CA LYS C 27 16.96 -23.60 -0.56
C LYS C 27 17.39 -22.14 -0.69
N ASP C 28 18.69 -21.91 -0.82
CA ASP C 28 19.25 -20.59 -0.76
C ASP C 28 18.77 -19.76 -1.96
N ALA C 29 18.72 -20.39 -3.13
CA ALA C 29 18.18 -19.73 -4.32
C ALA C 29 16.69 -19.44 -4.18
N LEU C 30 15.94 -20.41 -3.67
CA LEU C 30 14.50 -20.25 -3.53
C LEU C 30 14.20 -19.11 -2.56
N THR C 31 14.95 -19.05 -1.47
CA THR C 31 14.79 -17.98 -0.49
C THR C 31 15.00 -16.60 -1.10
N LYS C 32 16.06 -16.45 -1.89
CA LYS C 32 16.29 -15.20 -2.60
C LYS C 32 15.10 -14.91 -3.52
N MET C 33 14.68 -15.91 -4.30
CA MET C 33 13.54 -15.75 -5.18
C MET C 33 12.31 -15.25 -4.45
N ARG C 34 12.09 -15.75 -3.24
CA ARG C 34 10.92 -15.38 -2.47
C ARG C 34 10.97 -13.89 -2.12
N ALA C 35 12.15 -13.44 -1.68
CA ALA C 35 12.29 -12.05 -1.28
C ALA C 35 12.05 -11.14 -2.49
N ALA C 36 12.45 -11.61 -3.67
CA ALA C 36 12.32 -10.82 -4.87
C ALA C 36 10.87 -10.82 -5.38
N ALA C 37 10.21 -11.97 -5.29
CA ALA C 37 8.79 -12.04 -5.57
C ALA C 37 8.00 -11.02 -4.72
N LEU C 38 8.27 -10.99 -3.42
CA LEU C 38 7.56 -10.09 -2.51
C LEU C 38 7.87 -8.63 -2.80
N ASP C 39 9.11 -8.36 -3.20
CA ASP C 39 9.49 -7.02 -3.62
C ASP C 39 8.79 -6.59 -4.90
N ALA C 40 8.96 -7.36 -5.96
CA ALA C 40 8.19 -7.12 -7.18
C ALA C 40 6.69 -6.91 -6.95
N GLN C 41 6.11 -7.68 -6.04
CA GLN C 41 4.67 -7.63 -5.77
C GLN C 41 4.20 -6.20 -5.58
N LYS C 42 5.12 -5.31 -5.20
CA LYS C 42 4.79 -3.96 -4.74
C LYS C 42 4.99 -2.94 -5.85
N ALA C 43 5.75 -3.33 -6.87
CA ALA C 43 6.03 -2.48 -8.01
C ALA C 43 4.85 -2.38 -8.98
N THR C 44 4.79 -1.25 -9.68
CA THR C 44 3.80 -1.07 -10.73
C THR C 44 4.50 -1.13 -12.08
N PRO C 45 4.12 -2.11 -12.91
CA PRO C 45 4.86 -2.35 -14.14
C PRO C 45 4.56 -1.26 -15.17
N PRO C 46 5.58 -0.79 -15.90
CA PRO C 46 5.35 0.13 -17.00
C PRO C 46 3.98 -0.07 -17.62
N LYS C 47 3.66 -1.30 -18.00
CA LYS C 47 2.52 -1.56 -18.88
C LYS C 47 1.18 -1.22 -18.20
N LEU C 48 1.22 -1.02 -16.89
CA LEU C 48 -0.01 -0.77 -16.13
C LEU C 48 0.05 0.51 -15.31
N GLU C 49 0.96 1.41 -15.66
CA GLU C 49 1.26 2.59 -14.85
C GLU C 49 0.10 3.56 -14.78
N ASP C 50 -0.79 3.50 -15.78
CA ASP C 50 -1.91 4.44 -15.89
C ASP C 50 -3.20 3.82 -15.33
N LYS C 51 -3.08 2.66 -14.69
CA LYS C 51 -4.24 1.88 -14.28
C LYS C 51 -4.49 2.04 -12.78
N SER C 52 -5.73 1.92 -12.37
CA SER C 52 -6.10 2.03 -10.95
C SER C 52 -5.59 0.84 -10.14
N PRO C 53 -5.06 1.11 -8.93
CA PRO C 53 -4.52 0.04 -8.10
C PRO C 53 -5.56 -1.05 -7.93
N ASP C 54 -6.82 -0.66 -8.15
CA ASP C 54 -7.99 -1.47 -7.83
C ASP C 54 -8.34 -2.34 -9.03
N SER C 55 -7.72 -2.02 -10.16
CA SER C 55 -8.23 -2.43 -11.46
C SER C 55 -8.02 -3.93 -11.65
N PRO C 56 -8.79 -4.53 -12.55
CA PRO C 56 -8.67 -5.96 -12.84
C PRO C 56 -7.25 -6.37 -13.17
N GLU C 57 -6.57 -5.55 -13.97
CA GLU C 57 -5.18 -5.81 -14.35
C GLU C 57 -4.20 -5.82 -13.18
N MET C 58 -4.20 -4.74 -12.40
CA MET C 58 -3.30 -4.64 -11.26
C MET C 58 -3.51 -5.81 -10.30
N CYS C 59 -4.77 -6.16 -10.06
CA CYS C 59 -5.09 -7.22 -9.12
C CYS C 59 -4.62 -8.56 -9.66
N ASP C 60 -4.81 -8.78 -10.97
CA ASP C 60 -4.26 -9.95 -11.62
C ASP C 60 -2.73 -9.97 -11.52
N PHE C 61 -2.10 -8.86 -11.85
CA PHE C 61 -0.66 -8.71 -11.61
C PHE C 61 -0.25 -9.24 -10.22
N ALA C 62 -0.90 -8.73 -9.18
CA ALA C 62 -0.49 -9.07 -7.82
C ALA C 62 -0.80 -10.54 -7.52
N ALA C 63 -1.83 -11.05 -8.17
CA ALA C 63 -2.19 -12.44 -8.02
C ALA C 63 -1.11 -13.35 -8.59
N GLY C 64 -0.51 -12.92 -9.70
CA GLY C 64 0.55 -13.68 -10.34
C GLY C 64 1.69 -13.95 -9.37
N PHE C 65 2.06 -12.93 -8.60
CA PHE C 65 3.09 -13.09 -7.58
C PHE C 65 2.60 -13.95 -6.44
N ALA C 66 1.33 -13.82 -6.09
CA ALA C 66 0.77 -14.59 -4.99
C ALA C 66 0.90 -16.08 -5.29
N ILE C 67 0.63 -16.44 -6.54
CA ILE C 67 0.76 -17.81 -6.96
C ILE C 67 2.23 -18.21 -7.03
N LEU C 68 3.08 -17.30 -7.49
CA LEU C 68 4.50 -17.59 -7.60
C LEU C 68 5.06 -17.90 -6.23
N VAL C 69 4.80 -17.01 -5.26
CA VAL C 69 5.27 -17.21 -3.89
C VAL C 69 4.77 -18.55 -3.35
N GLY C 70 3.49 -18.82 -3.56
CA GLY C 70 2.93 -20.11 -3.16
C GLY C 70 3.78 -21.25 -3.69
N GLN C 71 4.20 -21.11 -4.95
CA GLN C 71 4.85 -22.21 -5.65
C GLN C 71 6.28 -22.35 -5.17
N ILE C 72 6.94 -21.21 -4.96
CA ILE C 72 8.21 -21.17 -4.26
C ILE C 72 8.13 -21.86 -2.89
N ASP C 73 7.08 -21.58 -2.14
CA ASP C 73 6.91 -22.20 -0.83
C ASP C 73 6.79 -23.74 -0.94
N ASP C 74 6.11 -24.23 -1.95
CA ASP C 74 6.00 -25.66 -2.16
C ASP C 74 7.37 -26.23 -2.50
N ALA C 75 8.16 -25.48 -3.25
CA ALA C 75 9.50 -25.93 -3.62
C ALA C 75 10.45 -25.86 -2.42
N LEU C 76 10.28 -24.85 -1.57
CA LEU C 76 11.02 -24.78 -0.31
C LEU C 76 10.78 -25.98 0.63
N LYS C 77 9.53 -26.40 0.74
CA LYS C 77 9.19 -27.58 1.53
C LYS C 77 10.03 -28.77 1.09
N LEU C 78 10.01 -29.05 -0.22
CA LEU C 78 10.76 -30.15 -0.77
C LEU C 78 12.26 -29.97 -0.52
N ALA C 79 12.74 -28.74 -0.62
CA ALA C 79 14.17 -28.47 -0.45
C ALA C 79 14.61 -28.68 0.98
N ASN C 80 13.79 -28.23 1.93
CA ASN C 80 14.02 -28.50 3.35
C ASN C 80 14.00 -30.00 3.68
N GLU C 81 13.16 -30.75 2.98
CA GLU C 81 13.12 -32.19 3.16
C GLU C 81 14.31 -32.87 2.51
N GLY C 82 15.19 -32.07 1.90
CA GLY C 82 16.37 -32.59 1.22
C GLY C 82 16.13 -33.28 -0.11
N LYS C 83 14.91 -33.17 -0.64
CA LYS C 83 14.56 -33.77 -1.93
C LYS C 83 14.98 -32.89 -3.11
N VAL C 84 16.26 -32.96 -3.48
CA VAL C 84 16.80 -32.06 -4.48
C VAL C 84 16.04 -32.15 -5.81
N LYS C 85 16.01 -33.33 -6.41
CA LYS C 85 15.44 -33.48 -7.74
C LYS C 85 13.99 -33.03 -7.75
N GLU C 86 13.29 -33.29 -6.65
CA GLU C 86 11.89 -32.94 -6.57
C GLU C 86 11.71 -31.43 -6.58
N ALA C 87 12.61 -30.75 -5.87
CA ALA C 87 12.51 -29.31 -5.69
C ALA C 87 12.91 -28.60 -6.97
N GLN C 88 13.86 -29.20 -7.70
CA GLN C 88 14.18 -28.73 -9.05
C GLN C 88 12.98 -28.81 -9.99
N ALA C 89 12.24 -29.92 -9.89
CA ALA C 89 11.04 -30.11 -10.70
C ALA C 89 10.02 -29.02 -10.38
N ALA C 90 9.78 -28.83 -9.09
CA ALA C 90 8.91 -27.76 -8.62
C ALA C 90 9.27 -26.39 -9.20
N ALA C 91 10.57 -26.08 -9.21
CA ALA C 91 11.02 -24.81 -9.75
C ALA C 91 10.77 -24.69 -11.26
N GLU C 92 10.90 -25.79 -11.98
CA GLU C 92 10.56 -25.77 -13.39
C GLU C 92 9.09 -25.38 -13.58
N GLN C 93 8.23 -25.83 -12.67
CA GLN C 93 6.81 -25.51 -12.74
C GLN C 93 6.56 -24.01 -12.64
N LEU C 94 7.45 -23.31 -11.94
CA LEU C 94 7.41 -21.86 -11.85
C LEU C 94 7.23 -21.19 -13.22
N LYS C 95 7.99 -21.66 -14.21
CA LYS C 95 8.08 -21.01 -15.51
C LYS C 95 6.73 -20.70 -16.18
N THR C 96 5.75 -21.58 -16.04
CA THR C 96 4.44 -21.30 -16.58
C THR C 96 3.83 -20.03 -15.98
N THR C 97 4.01 -19.85 -14.68
CA THR C 97 3.65 -18.59 -14.03
C THR C 97 4.46 -17.41 -14.55
N CYS C 98 5.77 -17.55 -14.62
CA CYS C 98 6.58 -16.47 -15.20
C CYS C 98 6.03 -16.06 -16.56
N ASN C 99 5.78 -17.03 -17.44
CA ASN C 99 5.28 -16.72 -18.77
C ASN C 99 3.89 -16.10 -18.77
N ALA C 100 2.96 -16.71 -18.04
CA ALA C 100 1.59 -16.22 -18.02
C ALA C 100 1.61 -14.72 -17.80
N CYS C 101 2.35 -14.29 -16.77
CA CYS C 101 2.39 -12.89 -16.40
C CYS C 101 3.10 -12.07 -17.46
N HIS C 102 4.18 -12.63 -18.00
CA HIS C 102 4.95 -11.98 -19.03
C HIS C 102 4.14 -11.71 -20.31
N GLN C 103 3.32 -12.69 -20.73
CA GLN C 103 2.46 -12.48 -21.89
C GLN C 103 1.55 -11.28 -21.69
N LYS C 104 0.96 -11.16 -20.50
CA LYS C 104 -0.03 -10.12 -20.25
C LYS C 104 0.59 -8.72 -20.06
N TYR C 105 1.70 -8.64 -19.34
CA TYR C 105 2.03 -7.38 -18.67
C TYR C 105 3.45 -6.90 -18.91
N ARG C 106 4.27 -7.75 -19.51
CA ARG C 106 5.67 -7.39 -19.79
C ARG C 106 5.76 -6.73 -21.17
N ALA D 1 -15.42 -0.47 5.57
CA ALA D 1 -16.04 -1.26 6.67
C ALA D 1 -15.03 -2.23 7.30
N ASP D 2 -15.49 -3.05 8.24
CA ASP D 2 -14.59 -3.93 8.99
C ASP D 2 -14.64 -5.39 8.55
N LEU D 3 -13.62 -6.16 8.96
CA LEU D 3 -13.42 -7.52 8.47
C LEU D 3 -14.68 -8.37 8.51
N GLU D 4 -15.30 -8.45 9.69
CA GLU D 4 -16.49 -9.27 9.87
C GLU D 4 -17.56 -8.93 8.85
N ASP D 5 -17.81 -7.64 8.64
CA ASP D 5 -18.86 -7.20 7.74
C ASP D 5 -18.52 -7.59 6.31
N ASN D 6 -17.28 -7.36 5.92
CA ASN D 6 -16.77 -7.82 4.64
C ASN D 6 -16.97 -9.32 4.41
N MET D 7 -16.74 -10.13 5.43
CA MET D 7 -16.81 -11.58 5.27
C MET D 7 -18.26 -12.03 5.17
N GLU D 8 -19.14 -11.33 5.88
CA GLU D 8 -20.56 -11.52 5.71
C GLU D 8 -20.98 -11.23 4.27
N THR D 9 -20.51 -10.13 3.72
CA THR D 9 -20.85 -9.78 2.34
C THR D 9 -20.42 -10.91 1.40
N LEU D 10 -19.14 -11.26 1.46
CA LEU D 10 -18.63 -12.40 0.73
C LEU D 10 -19.56 -13.60 0.86
N ASN D 11 -20.01 -13.88 2.08
CA ASN D 11 -20.72 -15.13 2.33
C ASN D 11 -22.14 -15.11 1.80
N ASP D 12 -22.84 -14.01 2.07
CA ASP D 12 -24.19 -13.79 1.57
C ASP D 12 -24.21 -13.85 0.04
N ASN D 13 -23.33 -13.09 -0.59
CA ASN D 13 -23.40 -12.95 -2.04
C ASN D 13 -23.00 -14.24 -2.76
N LEU D 14 -22.22 -15.06 -2.08
CA LEU D 14 -21.89 -16.38 -2.60
C LEU D 14 -23.15 -17.22 -2.66
N LYS D 15 -24.02 -17.09 -1.66
CA LYS D 15 -25.30 -17.80 -1.66
C LYS D 15 -26.22 -17.25 -2.75
N VAL D 16 -26.40 -15.94 -2.76
CA VAL D 16 -27.13 -15.26 -3.83
C VAL D 16 -26.77 -15.87 -5.17
N ILE D 17 -25.47 -15.99 -5.45
CA ILE D 17 -24.99 -16.51 -6.73
C ILE D 17 -25.40 -17.96 -6.97
N GLU D 18 -25.40 -18.80 -5.94
CA GLU D 18 -25.80 -20.20 -6.10
C GLU D 18 -27.29 -20.33 -6.40
N LYS D 19 -28.07 -19.30 -6.02
CA LYS D 19 -29.53 -19.32 -6.20
C LYS D 19 -29.98 -18.43 -7.36
N ALA D 20 -29.03 -17.89 -8.10
CA ALA D 20 -29.32 -16.81 -9.04
C ALA D 20 -30.19 -17.26 -10.22
N ASP D 21 -31.04 -16.36 -10.69
CA ASP D 21 -31.97 -16.69 -11.78
C ASP D 21 -31.46 -16.15 -13.10
N ASN D 22 -30.82 -14.99 -13.05
CA ASN D 22 -30.30 -14.35 -14.26
C ASN D 22 -28.86 -13.84 -14.06
N ALA D 23 -28.27 -13.32 -15.13
CA ALA D 23 -26.88 -12.88 -15.10
C ALA D 23 -26.64 -11.57 -14.32
N ALA D 24 -27.62 -10.68 -14.31
CA ALA D 24 -27.49 -9.43 -13.59
C ALA D 24 -27.34 -9.71 -12.09
N GLN D 25 -28.22 -10.55 -11.57
CA GLN D 25 -28.15 -10.96 -10.18
C GLN D 25 -26.74 -11.38 -9.82
N VAL D 26 -26.11 -12.15 -10.70
CA VAL D 26 -24.77 -12.69 -10.44
C VAL D 26 -23.71 -11.60 -10.50
N LYS D 27 -23.58 -10.98 -11.67
CA LYS D 27 -22.91 -9.69 -11.82
C LYS D 27 -23.02 -8.84 -10.56
N ASP D 28 -24.24 -8.57 -10.15
CA ASP D 28 -24.48 -7.66 -9.04
C ASP D 28 -23.80 -8.18 -7.78
N ALA D 29 -23.92 -9.49 -7.55
CA ALA D 29 -23.39 -10.11 -6.32
C ALA D 29 -21.88 -10.23 -6.34
N LEU D 30 -21.33 -10.46 -7.52
CA LEU D 30 -19.89 -10.51 -7.70
C LEU D 30 -19.25 -9.13 -7.49
N THR D 31 -19.92 -8.09 -7.96
CA THR D 31 -19.45 -6.72 -7.79
C THR D 31 -19.40 -6.36 -6.31
N LYS D 32 -20.39 -6.83 -5.56
CA LYS D 32 -20.42 -6.57 -4.13
C LYS D 32 -19.30 -7.33 -3.42
N MET D 33 -19.14 -8.60 -3.79
CA MET D 33 -18.00 -9.38 -3.33
C MET D 33 -16.65 -8.70 -3.60
N ARG D 34 -16.49 -8.12 -4.79
CA ARG D 34 -15.22 -7.52 -5.18
C ARG D 34 -14.92 -6.37 -4.24
N ALA D 35 -15.91 -5.53 -4.00
CA ALA D 35 -15.72 -4.38 -3.13
C ALA D 35 -15.33 -4.83 -1.72
N ALA D 36 -15.92 -5.92 -1.26
CA ALA D 36 -15.58 -6.47 0.04
C ALA D 36 -14.18 -7.08 0.08
N ALA D 37 -13.80 -7.82 -0.95
CA ALA D 37 -12.47 -8.41 -0.96
C ALA D 37 -11.40 -7.34 -0.95
N LEU D 38 -11.62 -6.24 -1.67
CA LEU D 38 -10.64 -5.18 -1.70
C LEU D 38 -10.55 -4.49 -0.35
N ASP D 39 -11.68 -4.40 0.34
CA ASP D 39 -11.69 -3.79 1.67
C ASP D 39 -10.98 -4.67 2.68
N ALA D 40 -11.31 -5.95 2.71
CA ALA D 40 -10.69 -6.88 3.62
C ALA D 40 -9.19 -7.01 3.36
N GLN D 41 -8.81 -6.84 2.10
CA GLN D 41 -7.40 -6.85 1.76
C GLN D 41 -6.60 -5.82 2.53
N LYS D 42 -7.25 -4.78 3.05
CA LYS D 42 -6.56 -3.73 3.81
C LYS D 42 -6.45 -4.01 5.32
N ALA D 43 -7.18 -5.00 5.81
CA ALA D 43 -7.39 -5.18 7.25
C ALA D 43 -6.28 -5.98 7.91
N THR D 44 -6.22 -5.93 9.23
CA THR D 44 -5.42 -6.88 9.98
C THR D 44 -6.34 -7.81 10.75
N PRO D 45 -6.25 -9.11 10.46
CA PRO D 45 -7.08 -10.08 11.17
C PRO D 45 -6.58 -10.29 12.60
N PRO D 46 -7.51 -10.52 13.54
CA PRO D 46 -7.17 -10.80 14.93
C PRO D 46 -5.93 -11.67 15.06
N LYS D 47 -5.91 -12.77 14.32
CA LYS D 47 -4.87 -13.77 14.47
C LYS D 47 -3.46 -13.22 14.22
N LEU D 48 -3.37 -12.10 13.49
CA LEU D 48 -2.09 -11.60 12.99
C LEU D 48 -1.71 -10.23 13.56
N GLU D 49 -2.42 -9.82 14.61
CA GLU D 49 -2.43 -8.43 15.06
C GLU D 49 -1.08 -8.00 15.63
N ASP D 50 -0.31 -8.98 16.11
CA ASP D 50 1.00 -8.70 16.68
C ASP D 50 2.13 -8.86 15.65
N LYS D 51 1.78 -8.88 14.37
CA LYS D 51 2.75 -9.19 13.34
C LYS D 51 3.13 -7.94 12.56
N SER D 52 4.38 -7.86 12.15
CA SER D 52 4.81 -6.76 11.27
C SER D 52 4.01 -6.76 9.95
N PRO D 53 3.48 -5.58 9.57
CA PRO D 53 2.81 -5.39 8.27
C PRO D 53 3.63 -6.00 7.16
N ASP D 54 4.92 -6.14 7.45
CA ASP D 54 5.94 -6.57 6.51
C ASP D 54 5.95 -8.09 6.39
N SER D 55 5.38 -8.75 7.40
CA SER D 55 5.74 -10.12 7.69
C SER D 55 5.24 -11.08 6.61
N PRO D 56 5.87 -12.26 6.50
CA PRO D 56 5.40 -13.28 5.56
C PRO D 56 3.90 -13.52 5.72
N GLU D 57 3.42 -13.49 6.95
CA GLU D 57 2.03 -13.83 7.25
C GLU D 57 1.09 -12.78 6.68
N MET D 58 1.36 -11.51 6.99
CA MET D 58 0.57 -10.42 6.48
C MET D 58 0.58 -10.31 4.95
N CYS D 59 1.74 -10.48 4.34
CA CYS D 59 1.81 -10.48 2.90
C CYS D 59 0.94 -11.59 2.33
N ASP D 60 1.05 -12.78 2.93
CA ASP D 60 0.29 -13.94 2.47
C ASP D 60 -1.21 -13.66 2.57
N PHE D 61 -1.62 -13.09 3.70
CA PHE D 61 -3.00 -12.65 3.88
C PHE D 61 -3.48 -11.82 2.70
N ALA D 62 -2.85 -10.68 2.47
CA ALA D 62 -3.23 -9.80 1.37
C ALA D 62 -3.20 -10.49 0.00
N ALA D 63 -2.30 -11.46 -0.17
CA ALA D 63 -2.19 -12.16 -1.43
C ALA D 63 -3.45 -12.99 -1.66
N GLY D 64 -3.96 -13.58 -0.60
CA GLY D 64 -5.20 -14.36 -0.70
C GLY D 64 -6.31 -13.56 -1.35
N PHE D 65 -6.39 -12.28 -1.02
CA PHE D 65 -7.42 -11.43 -1.59
C PHE D 65 -7.08 -11.02 -3.02
N ALA D 66 -5.79 -10.89 -3.30
CA ALA D 66 -5.36 -10.70 -4.68
C ALA D 66 -5.87 -11.86 -5.57
N ILE D 67 -5.69 -13.09 -5.10
CA ILE D 67 -6.19 -14.27 -5.82
C ILE D 67 -7.72 -14.28 -5.88
N LEU D 68 -8.35 -14.01 -4.74
CA LEU D 68 -9.81 -13.99 -4.68
C LEU D 68 -10.40 -13.01 -5.70
N VAL D 69 -9.92 -11.77 -5.65
CA VAL D 69 -10.36 -10.75 -6.58
C VAL D 69 -10.12 -11.17 -8.03
N GLY D 70 -8.93 -11.72 -8.30
CA GLY D 70 -8.62 -12.26 -9.61
C GLY D 70 -9.67 -13.22 -10.09
N GLN D 71 -10.14 -14.09 -9.19
CA GLN D 71 -11.08 -15.13 -9.57
C GLN D 71 -12.48 -14.53 -9.74
N ILE D 72 -12.87 -13.66 -8.82
CA ILE D 72 -14.06 -12.83 -9.01
C ILE D 72 -14.11 -12.15 -10.39
N ASP D 73 -12.99 -11.59 -10.84
CA ASP D 73 -12.91 -11.01 -12.16
C ASP D 73 -13.18 -12.02 -13.28
N ASP D 74 -12.60 -13.21 -13.18
CA ASP D 74 -12.87 -14.26 -14.15
C ASP D 74 -14.37 -14.61 -14.16
N ALA D 75 -14.97 -14.63 -12.97
CA ALA D 75 -16.38 -14.92 -12.86
C ALA D 75 -17.24 -13.80 -13.45
N LEU D 76 -16.85 -12.56 -13.20
CA LEU D 76 -17.49 -11.41 -13.82
C LEU D 76 -17.44 -11.43 -15.35
N LYS D 77 -16.29 -11.78 -15.91
CA LYS D 77 -16.16 -11.92 -17.35
C LYS D 77 -17.24 -12.83 -17.88
N LEU D 78 -17.42 -13.98 -17.23
CA LEU D 78 -18.39 -14.99 -17.67
C LEU D 78 -19.80 -14.45 -17.56
N ALA D 79 -20.08 -13.77 -16.46
CA ALA D 79 -21.39 -13.19 -16.22
C ALA D 79 -21.72 -12.10 -17.24
N ASN D 80 -20.76 -11.23 -17.53
CA ASN D 80 -20.95 -10.20 -18.56
C ASN D 80 -21.26 -10.82 -19.93
N GLU D 81 -20.66 -11.96 -20.22
CA GLU D 81 -20.98 -12.73 -21.42
C GLU D 81 -22.29 -13.51 -21.27
N GLY D 82 -22.96 -13.33 -20.14
CA GLY D 82 -24.25 -13.99 -19.88
C GLY D 82 -24.19 -15.50 -19.75
N LYS D 83 -23.01 -16.05 -19.49
CA LYS D 83 -22.87 -17.48 -19.23
C LYS D 83 -23.13 -17.80 -17.77
N VAL D 84 -24.41 -17.87 -17.40
CA VAL D 84 -24.79 -17.94 -15.99
C VAL D 84 -24.22 -19.18 -15.28
N LYS D 85 -24.40 -20.35 -15.88
CA LYS D 85 -23.95 -21.58 -15.25
C LYS D 85 -22.44 -21.62 -15.05
N GLU D 86 -21.70 -21.08 -16.02
CA GLU D 86 -20.25 -21.07 -15.93
C GLU D 86 -19.77 -20.09 -14.87
N ALA D 87 -20.48 -18.98 -14.74
CA ALA D 87 -20.15 -18.00 -13.72
C ALA D 87 -20.48 -18.57 -12.34
N GLN D 88 -21.54 -19.36 -12.27
CA GLN D 88 -21.88 -20.05 -11.05
C GLN D 88 -20.84 -21.09 -10.67
N ALA D 89 -20.37 -21.85 -11.66
CA ALA D 89 -19.24 -22.77 -11.45
C ALA D 89 -18.00 -22.03 -10.96
N ALA D 90 -17.65 -20.92 -11.61
CA ALA D 90 -16.49 -20.14 -11.23
C ALA D 90 -16.55 -19.70 -9.77
N ALA D 91 -17.73 -19.28 -9.35
CA ALA D 91 -17.92 -18.77 -7.99
C ALA D 91 -17.80 -19.88 -6.95
N GLU D 92 -18.21 -21.09 -7.32
CA GLU D 92 -17.97 -22.25 -6.48
C GLU D 92 -16.48 -22.49 -6.25
N GLN D 93 -15.67 -22.22 -7.27
CA GLN D 93 -14.24 -22.39 -7.16
C GLN D 93 -13.63 -21.44 -6.15
N LEU D 94 -14.22 -20.26 -6.02
CA LEU D 94 -13.80 -19.31 -5.00
C LEU D 94 -13.54 -20.01 -3.67
N LYS D 95 -14.39 -20.97 -3.33
CA LYS D 95 -14.41 -21.51 -1.97
C LYS D 95 -13.07 -22.06 -1.52
N THR D 96 -12.33 -22.67 -2.44
CA THR D 96 -11.02 -23.21 -2.07
C THR D 96 -10.08 -22.13 -1.55
N THR D 97 -10.15 -20.94 -2.15
CA THR D 97 -9.44 -19.78 -1.64
C THR D 97 -9.95 -19.29 -0.29
N CYS D 98 -11.27 -19.15 -0.16
CA CYS D 98 -11.86 -18.87 1.15
C CYS D 98 -11.33 -19.84 2.21
N ASN D 99 -11.31 -21.13 1.88
CA ASN D 99 -10.93 -22.14 2.86
C ASN D 99 -9.43 -22.08 3.14
N ALA D 100 -8.62 -22.11 2.10
CA ALA D 100 -7.18 -21.97 2.25
C ALA D 100 -6.77 -20.85 3.22
N CYS D 101 -7.37 -19.67 3.07
CA CYS D 101 -7.08 -18.57 3.98
C CYS D 101 -7.65 -18.80 5.38
N HIS D 102 -8.85 -19.37 5.45
CA HIS D 102 -9.51 -19.61 6.73
C HIS D 102 -8.68 -20.54 7.62
N GLN D 103 -8.16 -21.61 7.03
CA GLN D 103 -7.27 -22.52 7.73
C GLN D 103 -6.08 -21.81 8.37
N LYS D 104 -5.40 -20.96 7.61
CA LYS D 104 -4.24 -20.25 8.16
C LYS D 104 -4.58 -19.23 9.25
N TYR D 105 -5.58 -18.39 9.01
CA TYR D 105 -5.64 -17.09 9.68
C TYR D 105 -6.96 -16.78 10.37
N ARG D 106 -7.95 -17.64 10.18
CA ARG D 106 -9.25 -17.42 10.81
C ARG D 106 -9.33 -18.08 12.18
CHA HEM E . -14.31 12.08 12.34
CHB HEM E . -11.28 13.09 15.99
CHC HEM E . -7.57 13.38 12.91
CHD HEM E . -10.56 12.31 9.22
C1A HEM E . -13.81 12.33 13.59
C2A HEM E . -14.59 12.31 14.81
C3A HEM E . -13.75 12.56 15.83
C4A HEM E . -12.42 12.76 15.29
CMA HEM E . -14.13 12.64 17.33
CAA HEM E . -16.09 12.00 14.92
CBA HEM E . -16.34 10.57 14.43
CGA HEM E . -17.58 9.96 15.08
O1A HEM E . -17.46 9.46 16.22
O2A HEM E . -18.62 9.85 14.39
C1B HEM E . -10.04 13.35 15.46
C2B HEM E . -8.90 13.85 16.19
C3B HEM E . -7.87 13.93 15.35
C4B HEM E . -8.31 13.45 14.06
CMB HEM E . -8.84 14.23 17.69
CAB HEM E . -6.45 14.39 15.73
CBB HEM E . -5.72 13.65 16.57
C1C HEM E . -8.06 13.14 11.63
C2C HEM E . -7.30 13.17 10.41
C3C HEM E . -8.13 12.91 9.39
C4C HEM E . -9.45 12.68 9.95
CMC HEM E . -5.80 13.52 10.30
CAC HEM E . -7.76 12.90 7.89
CBC HEM E . -6.50 12.58 7.57
C1D HEM E . -11.83 12.11 9.70
C2D HEM E . -12.98 11.75 8.90
C3D HEM E . -14.16 11.66 9.87
C4D HEM E . -13.60 12.03 11.16
CMD HEM E . -13.04 11.40 7.39
CAD HEM E . -15.59 11.20 9.55
CBD HEM E . -15.77 9.72 9.94
CGD HEM E . -17.08 9.15 9.42
O1D HEM E . -17.83 9.88 8.72
O2D HEM E . -17.34 7.95 9.67
NA HEM E . -12.49 12.57 13.91
NB HEM E . -9.63 13.06 14.17
NC HEM E . -9.38 12.84 11.32
ND HEM E . -12.23 12.31 11.01
FE HEM E . -10.87 12.65 12.61
CAA PXX F . -2.36 7.88 -3.02
CAM PXX F . -1.85 6.81 -3.94
OAB PXX F . -1.25 7.05 -4.98
NAL PXX F . -2.07 5.58 -3.49
CAN PXX F . -1.57 4.43 -4.11
CAP PXX F . -1.24 3.34 -3.30
CAH PXX F . -1.46 3.43 -1.93
CAD PXX F . -1.20 2.31 -1.16
CAF PXX F . -0.72 1.16 -1.78
NAK PXX F . -0.58 1.06 -3.12
CAR PXX F . -0.87 2.14 -3.89
CAQ PXX F . -0.72 2.06 -5.27
NAJ PXX F . -0.30 0.90 -5.82
CAE PXX F . -0.11 0.81 -7.15
CAC PXX F . -0.37 1.89 -7.99
CAG PXX F . -0.83 3.09 -7.45
CAO PXX F . -0.98 3.17 -6.07
CAI PXX F . -1.43 4.35 -5.50
CHA HEM G . 17.76 12.00 -4.17
CHB HEM G . 16.03 16.29 -5.61
CHC HEM G . 12.69 16.19 -2.12
CHD HEM G . 14.29 11.82 -0.73
C1A HEM G . 17.64 13.21 -4.80
C2A HEM G . 18.48 13.70 -5.89
C3A HEM G . 18.01 14.88 -6.28
C4A HEM G . 16.84 15.18 -5.48
CMA HEM G . 18.62 15.79 -7.37
CAA HEM G . 19.74 13.02 -6.48
CBA HEM G . 19.74 11.54 -6.12
CGA HEM G . 20.45 10.75 -7.19
O1A HEM G . 19.87 10.53 -8.28
O2A HEM G . 21.62 10.32 -6.92
C1B HEM G . 15.01 16.66 -4.77
C2B HEM G . 14.29 17.92 -4.81
C3B HEM G . 13.36 17.90 -3.85
C4B HEM G . 13.44 16.61 -3.20
CMB HEM G . 14.54 19.09 -5.81
CAB HEM G . 12.43 19.06 -3.47
CBB HEM G . 11.72 19.68 -4.43
C1C HEM G . 12.84 15.00 -1.44
C2C HEM G . 12.05 14.55 -0.31
C3C HEM G . 12.52 13.38 0.11
C4C HEM G . 13.61 13.00 -0.78
CMC HEM G . 10.91 15.36 0.35
CAC HEM G . 12.05 12.55 1.33
CBC HEM G . 10.81 12.74 1.80
C1D HEM G . 15.32 11.42 -1.55
C2D HEM G . 15.99 10.14 -1.48
C3D HEM G . 17.06 10.18 -2.57
C4D HEM G . 16.95 11.51 -3.17
CMD HEM G . 15.68 8.94 -0.56
CAD HEM G . 18.05 9.04 -2.90
CBD HEM G . 17.50 8.24 -4.09
CGD HEM G . 18.29 6.97 -4.24
O1D HEM G . 19.50 6.96 -3.94
O2D HEM G . 17.68 5.94 -4.63
NA HEM G . 16.65 14.15 -4.59
NB HEM G . 14.44 15.87 -3.80
NC HEM G . 13.77 14.01 -1.71
ND HEM G . 15.94 12.20 -2.52
FE HEM G . 15.20 14.06 -3.14
CAA PXX H . 3.04 6.18 8.34
CAM PXX H . 3.38 5.85 6.90
OAB PXX H . 3.06 6.58 6.00
NAL PXX H . 3.93 4.65 6.67
CAN PXX H . 4.21 4.21 5.38
CAP PXX H . 3.54 3.10 4.85
CAH PXX H . 2.59 2.42 5.60
CAD PXX H . 1.97 1.32 5.05
CAF PXX H . 2.31 0.89 3.76
NAK PXX H . 3.25 1.53 3.05
CAR PXX H . 3.88 2.60 3.59
CAQ PXX H . 4.84 3.23 2.83
NAJ PXX H . 5.13 2.73 1.62
CAE PXX H . 6.06 3.32 0.85
CAC PXX H . 6.77 4.40 1.34
CAG PXX H . 6.50 4.94 2.59
CAO PXX H . 5.50 4.35 3.35
CAI PXX H . 5.20 4.84 4.62
ZN ZN I . 4.06 0.97 1.19
ZN ZN J . 0.15 -0.51 -4.33
CHA HEM K . 10.69 -8.88 -16.74
CHB HEM K . 12.18 -13.25 -15.25
CHC HEM K . 7.91 -13.91 -13.02
CHD HEM K . 6.36 -9.58 -14.56
C1A HEM K . 11.43 -10.03 -16.61
C2A HEM K . 12.75 -10.27 -17.16
C3A HEM K . 13.17 -11.47 -16.74
C4A HEM K . 12.12 -12.04 -15.89
CMA HEM K . 14.48 -12.17 -17.13
CAA HEM K . 13.53 -9.34 -18.13
CBA HEM K . 13.62 -7.93 -17.55
CGA HEM K . 15.03 -7.40 -17.66
O1A HEM K . 15.56 -6.86 -16.64
O2A HEM K . 15.64 -7.51 -18.76
C1B HEM K . 11.14 -13.83 -14.54
C2B HEM K . 11.11 -15.19 -14.03
C3B HEM K . 9.95 -15.36 -13.40
C4B HEM K . 9.19 -14.12 -13.50
CMB HEM K . 12.26 -16.22 -14.14
CAB HEM K . 9.45 -16.66 -12.75
CBB HEM K . 10.26 -17.35 -11.93
C1C HEM K . 7.12 -12.80 -13.26
C2C HEM K . 5.76 -12.60 -12.78
C3C HEM K . 5.33 -11.42 -13.24
C4C HEM K . 6.41 -10.82 -13.99
CMC HEM K . 4.93 -13.61 -11.95
CAC HEM K . 3.92 -10.83 -13.07
CBC HEM K . 3.15 -11.25 -12.06
C1D HEM K . 7.39 -8.95 -15.22
C2D HEM K . 7.34 -7.61 -15.76
C3D HEM K . 8.68 -7.39 -16.44
C4D HEM K . 9.42 -8.63 -16.24
CMD HEM K . 6.17 -6.60 -15.65
CAD HEM K . 9.14 -6.10 -17.14
CBD HEM K . 10.07 -5.34 -16.20
CGD HEM K . 10.20 -3.91 -16.65
O1D HEM K . 10.09 -3.68 -17.87
O2D HEM K . 10.33 -3.01 -15.79
NA HEM K . 11.08 -11.14 -15.85
NB HEM K . 9.97 -13.20 -14.17
NC HEM K . 7.50 -11.67 -13.96
ND HEM K . 8.62 -9.53 -15.56
FE HEM K . 9.26 -11.40 -14.91
CAA PXX L . -6.16 -6.57 -6.08
CAM PXX L . -4.77 -6.02 -5.86
OAB PXX L . -3.92 -6.66 -5.27
NAL PXX L . -4.53 -4.76 -6.26
CAN PXX L . -3.28 -4.15 -6.06
CAP PXX L . -3.15 -3.08 -5.17
CAH PXX L . -4.24 -2.62 -4.44
CAD PXX L . -4.06 -1.56 -3.57
CAF PXX L . -2.82 -0.93 -3.48
NAK PXX L . -1.79 -1.35 -4.22
CAR PXX L . -1.94 -2.38 -5.07
CAQ PXX L . -0.86 -2.80 -5.81
NAJ PXX L . 0.32 -2.14 -5.65
CAE PXX L . 1.39 -2.52 -6.34
CAC PXX L . 1.32 -3.55 -7.27
CAG PXX L . 0.13 -4.26 -7.43
CAO PXX L . -0.97 -3.88 -6.67
CAI PXX L . -2.19 -4.54 -6.82
CHA HEM M . -14.15 -15.08 8.62
CHB HEM M . -16.61 -16.10 4.57
CHC HEM M . -12.56 -15.54 1.99
CHD HEM M . -10.06 -14.50 6.02
C1A HEM M . -15.16 -15.40 7.74
C2A HEM M . -16.54 -15.63 8.12
C3A HEM M . -17.24 -15.88 6.99
C4A HEM M . -16.30 -15.86 5.89
CMA HEM M . -18.75 -16.18 6.89
CAA HEM M . -17.11 -15.51 9.56
CBA HEM M . -17.27 -14.04 9.91
CGA HEM M . -17.74 -13.88 11.33
O1A HEM M . -18.80 -13.22 11.55
O2A HEM M . -17.05 -14.38 12.26
C1B HEM M . -15.71 -16.11 3.52
C2B HEM M . -15.98 -16.54 2.18
C3B HEM M . -14.87 -16.40 1.47
C4B HEM M . -13.85 -15.83 2.34
CMB HEM M . -17.32 -17.10 1.64
CAB HEM M . -14.73 -16.71 -0.04
CBB HEM M . -15.32 -15.92 -0.94
C1C HEM M . -11.53 -15.25 2.86
C2C HEM M . -10.15 -15.08 2.49
C3C HEM M . -9.45 -14.80 3.60
C4C HEM M . -10.37 -14.77 4.71
CMC HEM M . -9.59 -15.23 1.06
CAC HEM M . -7.91 -14.63 3.67
CBC HEM M . -7.28 -14.11 2.60
C1D HEM M . -10.91 -14.54 7.10
C2D HEM M . -10.55 -14.27 8.48
C3D HEM M . -11.84 -14.45 9.28
C4D HEM M . -12.83 -14.83 8.31
CMD HEM M . -9.19 -13.85 9.06
CAD HEM M . -12.04 -14.18 10.80
CBD HEM M . -12.63 -12.78 10.98
CGD HEM M . -12.59 -12.35 12.43
O1D HEM M . -12.01 -13.06 13.27
O2D HEM M . -13.11 -11.23 12.72
NA HEM M . -15.05 -15.54 6.37
NB HEM M . -14.41 -15.64 3.59
NC HEM M . -11.63 -15.06 4.23
ND HEM M . -12.25 -14.91 7.05
FE HEM M . -13.33 -15.27 5.27
CAA PXX N . 3.31 -7.79 2.43
CAM PXX N . 4.17 -6.56 2.35
OAB PXX N . 5.39 -6.60 2.35
NAL PXX N . 3.48 -5.42 2.33
CAN PXX N . 4.05 -4.16 2.21
CAP PXX N . 3.21 -3.11 1.84
CAH PXX N . 1.87 -3.38 1.60
CAD PXX N . 1.05 -2.31 1.25
CAF PXX N . 1.61 -1.03 1.17
NAK PXX N . 2.91 -0.79 1.43
CAR PXX N . 3.71 -1.81 1.80
CAQ PXX N . 5.05 -1.57 2.09
NAJ PXX N . 5.52 -0.31 2.01
CAE PXX N . 6.83 -0.07 2.23
CAC PXX N . 7.71 -1.09 2.60
CAG PXX N . 7.23 -2.39 2.71
CAO PXX N . 5.89 -2.63 2.42
CAI PXX N . 5.38 -3.92 2.51
#